data_7IFM
#
_entry.id   7IFM
#
_cell.length_a   45.300
_cell.length_b   72.910
_cell.length_c   52.680
_cell.angle_alpha   90.00
_cell.angle_beta   109.51
_cell.angle_gamma   90.00
#
_symmetry.space_group_name_H-M   'P 1 21 1'
#
loop_
_entity.id
_entity.type
_entity.pdbx_description
1 polymer Endothiapepsin
2 non-polymer 2-[4-(benzyloxy)phenoxy]-N-ethylethan-1-amine
3 water water
#
_entity_poly.entity_id   1
_entity_poly.type   'polypeptide(L)'
_entity_poly.pdbx_seq_one_letter_code
;STGSATTTPIDSLDDAYITPVQIGTPAQTLNLDFDTGSSDLWVFSSETTASEVDGQTIYTPSKSTTAKLLSGATWSISYG
DGSSSSGDVYTDTVSVGGLTVTGQAVESAKKVSSSFTEDSTIDGLLGLAFSTLNTVSPTQQKTFFDNAKASLDSPVFTAD
LGYHAPGTYNFGFIDTTAYTGSITYTAVSTKQGFWEWTSTGYAVGSGTFKSTSIDGIADTGTTLLYLPATVVSAYWAQVS
GAKSSSSVGGYVFPCSATLPSFTFGVGSARIVIPGDYIDFGPISTGSSSCFGGIQSSAGIGINIFGDVALKAAFVVFNGA
TTPTLGFASK
;
_entity_poly.pdbx_strand_id   A
#
loop_
_chem_comp.id
_chem_comp.type
_chem_comp.name
_chem_comp.formula
A1CGV non-polymer 2-[4-(benzyloxy)phenoxy]-N-ethylethan-1-amine 'C17 H21 N O2'
#
# COMPACT_ATOMS: atom_id res chain seq x y z
N SER A 1 13.72 -5.51 -19.94
CA SER A 1 13.91 -6.33 -18.73
C SER A 1 12.56 -6.46 -18.01
N THR A 2 12.51 -7.40 -17.10
CA THR A 2 11.35 -7.60 -16.20
C THR A 2 11.86 -8.01 -14.84
N GLY A 3 10.98 -7.93 -13.85
CA GLY A 3 11.23 -8.54 -12.55
C GLY A 3 9.93 -9.13 -12.01
N SER A 4 10.04 -10.10 -11.13
CA SER A 4 8.87 -10.77 -10.53
C SER A 4 9.23 -11.20 -9.11
N ALA A 5 8.54 -10.74 -8.10
CA ALA A 5 8.85 -11.10 -6.71
C ALA A 5 7.56 -11.49 -6.02
N THR A 6 7.66 -12.43 -5.12
CA THR A 6 6.55 -12.82 -4.27
C THR A 6 6.44 -11.85 -3.09
N THR A 7 5.20 -11.46 -2.73
CA THR A 7 4.90 -10.60 -1.60
C THR A 7 4.10 -11.41 -0.60
N THR A 8 4.41 -11.29 0.68
CA THR A 8 3.92 -12.25 1.72
C THR A 8 3.28 -11.43 2.82
N PRO A 9 2.06 -11.77 3.28
N PRO A 9 2.06 -11.77 3.28
N PRO A 9 2.06 -11.77 3.28
N PRO A 9 2.06 -11.77 3.28
CA PRO A 9 1.51 -11.05 4.44
CA PRO A 9 1.52 -11.09 4.45
CA PRO A 9 1.51 -11.05 4.44
CA PRO A 9 1.52 -11.09 4.45
C PRO A 9 2.40 -11.20 5.68
C PRO A 9 2.43 -11.20 5.68
C PRO A 9 2.40 -11.20 5.68
C PRO A 9 2.43 -11.20 5.68
N ILE A 10 2.51 -10.14 6.46
CA ILE A 10 3.38 -10.15 7.66
C ILE A 10 2.73 -10.90 8.82
N ASP A 11 1.43 -11.14 8.77
CA ASP A 11 0.70 -11.76 9.88
C ASP A 11 -0.58 -12.34 9.36
N SER A 12 -1.36 -12.95 10.24
CA SER A 12 -2.58 -13.68 9.89
C SER A 12 -3.72 -12.76 9.47
N LEU A 13 -3.56 -11.48 9.61
CA LEU A 13 -4.63 -10.50 9.27
C LEU A 13 -4.32 -9.79 7.96
N ASP A 14 -3.17 -10.04 7.32
CA ASP A 14 -2.75 -9.24 6.15
C ASP A 14 -2.58 -7.78 6.53
N ASP A 15 -1.97 -7.50 7.68
N ASP A 15 -1.97 -7.50 7.68
N ASP A 15 -1.96 -7.51 7.68
N ASP A 15 -1.96 -7.51 7.68
CA ASP A 15 -1.79 -6.09 8.12
CA ASP A 15 -1.79 -6.09 8.12
CA ASP A 15 -1.78 -6.10 8.13
CA ASP A 15 -1.78 -6.10 8.13
C ASP A 15 -0.87 -5.33 7.15
C ASP A 15 -0.87 -5.33 7.15
C ASP A 15 -0.86 -5.34 7.18
C ASP A 15 -0.86 -5.34 7.18
N ALA A 16 0.05 -6.05 6.49
CA ALA A 16 0.91 -5.48 5.45
C ALA A 16 1.56 -6.63 4.77
N TYR A 17 2.25 -6.36 3.69
CA TYR A 17 2.95 -7.37 2.87
C TYR A 17 4.41 -6.98 2.76
N ILE A 18 5.25 -7.99 2.77
CA ILE A 18 6.70 -7.80 2.61
C ILE A 18 7.22 -8.53 1.39
N THR A 19 8.16 -7.90 0.71
CA THR A 19 8.76 -8.40 -0.51
C THR A 19 10.26 -8.36 -0.35
N PRO A 20 11.01 -9.45 -0.66
CA PRO A 20 12.45 -9.43 -0.50
C PRO A 20 13.08 -8.58 -1.58
N VAL A 21 14.09 -7.80 -1.17
CA VAL A 21 14.80 -6.84 -2.02
C VAL A 21 16.30 -7.00 -1.75
N GLN A 22 17.05 -7.19 -2.83
CA GLN A 22 18.53 -7.30 -2.72
C GLN A 22 19.16 -5.92 -2.81
N ILE A 23 19.98 -5.58 -1.85
CA ILE A 23 20.66 -4.25 -1.80
C ILE A 23 22.16 -4.47 -1.66
N GLY A 24 22.94 -3.85 -2.52
CA GLY A 24 24.40 -3.87 -2.31
C GLY A 24 25.10 -5.04 -2.94
N THR A 25 26.44 -5.04 -2.76
CA THR A 25 27.34 -6.07 -3.33
C THR A 25 28.33 -6.47 -2.26
N PRO A 26 28.39 -7.72 -1.77
CA PRO A 26 27.40 -8.77 -2.09
C PRO A 26 26.02 -8.36 -1.62
N ALA A 27 24.98 -9.04 -2.14
CA ALA A 27 23.58 -8.69 -1.83
C ALA A 27 23.33 -8.79 -0.34
N GLN A 28 22.59 -7.83 0.16
CA GLN A 28 21.99 -7.86 1.50
C GLN A 28 20.47 -7.87 1.25
N THR A 29 19.79 -8.92 1.63
CA THR A 29 18.36 -9.07 1.36
C THR A 29 17.57 -8.56 2.55
N LEU A 30 16.73 -7.57 2.29
CA LEU A 30 15.84 -6.96 3.27
C LEU A 30 14.40 -7.18 2.80
N ASN A 31 13.48 -7.32 3.73
CA ASN A 31 12.07 -7.50 3.42
C ASN A 31 11.36 -6.16 3.53
N LEU A 32 10.99 -5.60 2.39
CA LEU A 32 10.44 -4.21 2.35
C LEU A 32 8.96 -4.24 2.08
N ASP A 33 8.31 -3.20 2.60
CA ASP A 33 6.88 -2.95 2.38
C ASP A 33 6.75 -2.09 1.14
N PHE A 34 6.30 -2.68 0.03
CA PHE A 34 6.10 -1.95 -1.22
C PHE A 34 4.89 -1.05 -1.05
N ASP A 35 5.07 0.26 -1.26
N ASP A 35 5.07 0.26 -1.26
N ASP A 35 5.06 0.25 -1.26
N ASP A 35 5.06 0.25 -1.26
CA ASP A 35 4.08 1.28 -0.86
CA ASP A 35 4.08 1.28 -0.86
CA ASP A 35 4.08 1.28 -0.86
CA ASP A 35 4.08 1.28 -0.86
C ASP A 35 3.78 2.17 -2.05
C ASP A 35 3.78 2.17 -2.05
C ASP A 35 3.78 2.17 -2.05
C ASP A 35 3.78 2.17 -2.05
N THR A 36 2.67 1.93 -2.75
CA THR A 36 2.29 2.80 -3.88
C THR A 36 1.71 4.14 -3.37
N GLY A 37 1.70 4.41 -2.07
CA GLY A 37 1.33 5.71 -1.55
C GLY A 37 2.47 6.57 -1.06
N SER A 38 3.71 6.17 -1.29
N SER A 38 3.71 6.17 -1.29
N SER A 38 3.71 6.16 -1.28
N SER A 38 3.71 6.16 -1.28
CA SER A 38 4.87 7.03 -0.95
CA SER A 38 4.87 7.03 -0.95
CA SER A 38 4.88 7.01 -0.92
CA SER A 38 4.88 7.01 -0.92
C SER A 38 6.01 6.76 -1.93
C SER A 38 6.01 6.76 -1.93
C SER A 38 6.01 6.75 -1.92
C SER A 38 6.01 6.75 -1.92
N SER A 39 7.08 7.52 -1.81
CA SER A 39 8.09 7.59 -2.87
C SER A 39 9.51 7.56 -2.35
N ASP A 40 9.71 7.00 -1.15
CA ASP A 40 11.05 6.86 -0.57
C ASP A 40 11.34 5.38 -0.40
N LEU A 41 12.53 4.95 -0.76
CA LEU A 41 13.02 3.61 -0.46
C LEU A 41 13.94 3.78 0.74
N TRP A 42 13.49 3.41 1.91
CA TRP A 42 14.27 3.57 3.16
C TRP A 42 14.37 2.25 3.89
N VAL A 43 15.46 2.10 4.59
CA VAL A 43 15.77 0.82 5.27
C VAL A 43 16.28 1.07 6.69
N PHE A 44 15.98 0.11 7.53
CA PHE A 44 16.74 -0.09 8.79
C PHE A 44 18.18 -0.35 8.39
N SER A 45 19.12 0.18 9.19
CA SER A 45 20.52 0.15 8.79
C SER A 45 21.43 0.06 10.01
N SER A 46 22.72 -0.03 9.70
CA SER A 46 23.81 0.03 10.72
C SER A 46 23.83 1.42 11.35
N GLU A 47 23.19 2.42 10.76
CA GLU A 47 23.14 3.81 11.30
C GLU A 47 21.94 3.98 12.21
N THR A 48 20.96 3.08 12.19
CA THR A 48 19.71 3.29 12.97
C THR A 48 20.05 3.28 14.48
N THR A 49 19.52 4.25 15.20
CA THR A 49 19.64 4.31 16.68
C THR A 49 19.43 2.91 17.25
N ALA A 50 20.33 2.39 18.05
CA ALA A 50 20.33 0.97 18.44
C ALA A 50 19.04 0.63 19.18
N SER A 51 18.57 1.50 20.07
CA SER A 51 17.35 1.29 20.88
C SER A 51 16.09 1.20 20.00
N GLU A 52 16.16 1.62 18.73
CA GLU A 52 15.00 1.66 17.80
C GLU A 52 15.05 0.48 16.84
N VAL A 53 15.98 -0.41 16.99
CA VAL A 53 16.05 -1.65 16.18
C VAL A 53 15.64 -2.81 17.10
N ASP A 54 14.67 -3.61 16.69
CA ASP A 54 14.19 -4.78 17.50
C ASP A 54 13.78 -5.93 16.57
N GLY A 55 14.76 -6.58 16.03
CA GLY A 55 14.62 -7.82 15.25
C GLY A 55 14.62 -7.60 13.75
N GLN A 56 14.66 -6.36 13.25
CA GLN A 56 14.69 -6.12 11.79
C GLN A 56 16.06 -6.53 11.26
N THR A 57 16.11 -6.87 9.98
CA THR A 57 17.36 -7.01 9.24
C THR A 57 17.82 -5.62 8.82
N ILE A 58 19.13 -5.36 8.98
CA ILE A 58 19.69 -4.02 8.67
C ILE A 58 20.56 -4.10 7.44
N TYR A 59 20.52 -2.97 6.71
CA TYR A 59 21.46 -2.69 5.63
C TYR A 59 22.74 -2.07 6.24
N THR A 60 23.88 -2.63 5.91
CA THR A 60 25.19 -2.06 6.37
C THR A 60 25.94 -1.57 5.14
N PRO A 61 25.87 -0.26 4.82
CA PRO A 61 26.50 0.19 3.60
C PRO A 61 28.03 -0.03 3.57
N SER A 62 28.68 -0.06 4.73
CA SER A 62 30.15 -0.23 4.77
C SER A 62 30.54 -1.61 4.26
N LYS A 63 29.62 -2.56 4.19
CA LYS A 63 29.89 -3.94 3.72
C LYS A 63 29.52 -4.08 2.25
N SER A 64 29.04 -3.03 1.59
CA SER A 64 28.67 -3.09 0.17
C SER A 64 29.73 -2.35 -0.63
N THR A 65 30.34 -3.04 -1.57
CA THR A 65 31.42 -2.46 -2.39
C THR A 65 30.86 -1.49 -3.40
N THR A 66 29.55 -1.46 -3.62
CA THR A 66 28.89 -0.57 -4.59
C THR A 66 28.20 0.61 -3.88
N ALA A 67 28.17 0.63 -2.57
CA ALA A 67 27.48 1.72 -1.84
C ALA A 67 28.36 2.99 -1.92
N LYS A 68 27.72 4.12 -2.17
N LYS A 68 27.72 4.12 -2.16
N LYS A 68 27.72 4.12 -2.17
N LYS A 68 27.72 4.12 -2.16
CA LYS A 68 28.37 5.46 -2.18
CA LYS A 68 28.40 5.43 -2.09
CA LYS A 68 28.37 5.46 -2.18
CA LYS A 68 28.40 5.43 -2.09
C LYS A 68 27.51 6.41 -1.34
C LYS A 68 27.51 6.40 -1.32
C LYS A 68 27.51 6.41 -1.34
C LYS A 68 27.51 6.40 -1.32
N LEU A 69 28.08 7.10 -0.36
CA LEU A 69 27.33 8.13 0.37
C LEU A 69 26.89 9.15 -0.64
N LEU A 70 25.65 9.57 -0.61
CA LEU A 70 25.16 10.70 -1.43
C LEU A 70 25.37 11.94 -0.56
N SER A 71 26.47 12.64 -0.87
N SER A 71 26.48 12.64 -0.83
N SER A 71 26.47 12.64 -0.87
N SER A 71 26.48 12.64 -0.83
CA SER A 71 27.00 13.67 0.06
CA SER A 71 27.04 13.64 0.09
CA SER A 71 27.00 13.67 0.06
CA SER A 71 27.04 13.64 0.09
C SER A 71 25.97 14.76 0.33
C SER A 71 26.04 14.79 0.33
C SER A 71 25.97 14.76 0.33
C SER A 71 26.04 14.79 0.33
N GLY A 72 25.71 15.04 1.59
CA GLY A 72 24.87 16.14 2.01
C GLY A 72 23.40 15.83 1.98
N ALA A 73 23.01 14.65 1.47
CA ALA A 73 21.58 14.33 1.31
C ALA A 73 20.99 13.80 2.61
N THR A 74 19.84 14.31 2.96
CA THR A 74 19.06 13.77 4.11
C THR A 74 17.64 13.53 3.65
N TRP A 75 16.90 12.85 4.51
CA TRP A 75 15.49 12.54 4.23
C TRP A 75 14.73 12.52 5.54
N SER A 76 13.44 12.78 5.44
CA SER A 76 12.55 12.76 6.63
C SER A 76 11.13 12.64 6.11
N ILE A 77 10.44 11.61 6.62
CA ILE A 77 9.06 11.35 6.13
C ILE A 77 8.14 11.13 7.32
N SER A 78 6.93 11.62 7.14
CA SER A 78 5.84 11.44 8.14
C SER A 78 4.67 10.90 7.36
N TYR A 79 4.20 9.72 7.75
N TYR A 79 4.20 9.72 7.75
N TYR A 79 4.18 9.72 7.75
N TYR A 79 4.18 9.72 7.75
CA TYR A 79 3.11 8.97 7.05
CA TYR A 79 3.11 8.98 7.05
CA TYR A 79 3.10 9.00 7.03
CA TYR A 79 3.10 9.00 7.03
C TYR A 79 1.74 9.31 7.67
C TYR A 79 1.74 9.31 7.67
C TYR A 79 1.73 9.39 7.60
C TYR A 79 1.73 9.39 7.60
N GLY A 80 0.70 9.16 6.85
N GLY A 80 0.70 9.16 6.85
N GLY A 80 0.68 9.12 6.83
N GLY A 80 0.68 9.12 6.83
CA GLY A 80 -0.70 9.50 7.21
CA GLY A 80 -0.70 9.50 7.21
CA GLY A 80 -0.72 9.45 7.18
CA GLY A 80 -0.72 9.45 7.18
C GLY A 80 -1.15 8.85 8.51
C GLY A 80 -1.15 8.85 8.51
C GLY A 80 -1.15 8.84 8.50
C GLY A 80 -1.15 8.84 8.50
N ASP A 81 -0.54 7.73 8.91
N ASP A 81 -0.54 7.73 8.91
N ASP A 81 -0.54 7.72 8.90
N ASP A 81 -0.54 7.72 8.90
CA ASP A 81 -0.87 6.98 10.15
CA ASP A 81 -0.87 6.98 10.15
CA ASP A 81 -0.88 6.98 10.15
CA ASP A 81 -0.88 6.98 10.15
C ASP A 81 -0.14 7.56 11.37
C ASP A 81 -0.14 7.56 11.37
C ASP A 81 -0.14 7.56 11.37
C ASP A 81 -0.14 7.56 11.37
N GLY A 82 0.72 8.56 11.19
CA GLY A 82 1.46 9.15 12.32
C GLY A 82 2.85 8.59 12.51
N SER A 83 3.23 7.58 11.74
CA SER A 83 4.60 7.02 11.83
C SER A 83 5.57 7.90 11.04
N SER A 84 6.85 7.72 11.34
CA SER A 84 7.90 8.56 10.72
C SER A 84 9.26 7.88 10.76
N SER A 85 10.17 8.41 9.95
CA SER A 85 11.57 7.95 9.88
C SER A 85 12.39 9.05 9.19
N SER A 86 13.70 9.01 9.44
CA SER A 86 14.61 10.00 8.82
C SER A 86 16.03 9.50 8.84
N GLY A 87 16.89 10.06 8.00
CA GLY A 87 18.29 9.65 7.99
C GLY A 87 19.07 10.30 6.87
N ASP A 88 20.08 9.57 6.41
CA ASP A 88 20.95 10.01 5.30
C ASP A 88 20.80 9.08 4.13
N VAL A 89 21.61 9.18 3.10
CA VAL A 89 21.29 8.55 1.80
C VAL A 89 22.55 7.96 1.22
N TYR A 90 22.47 6.77 0.69
CA TYR A 90 23.48 6.13 -0.14
C TYR A 90 22.90 5.89 -1.51
N THR A 91 23.73 5.76 -2.52
CA THR A 91 23.32 5.08 -3.77
C THR A 91 23.90 3.69 -3.75
N ASP A 92 23.17 2.73 -4.30
CA ASP A 92 23.64 1.32 -4.32
C ASP A 92 22.83 0.58 -5.38
N THR A 93 23.25 -0.62 -5.65
CA THR A 93 22.54 -1.52 -6.57
C THR A 93 21.40 -2.18 -5.83
N VAL A 94 20.21 -2.11 -6.41
CA VAL A 94 18.98 -2.65 -5.79
C VAL A 94 18.32 -3.55 -6.83
N SER A 95 17.99 -4.77 -6.43
CA SER A 95 17.30 -5.71 -7.33
C SER A 95 16.03 -6.20 -6.69
N VAL A 96 15.02 -6.36 -7.50
CA VAL A 96 13.70 -6.90 -7.07
C VAL A 96 13.35 -7.98 -8.05
N GLY A 97 13.29 -9.21 -7.60
CA GLY A 97 12.75 -10.28 -8.43
C GLY A 97 13.52 -10.42 -9.71
N GLY A 98 14.83 -10.18 -9.70
CA GLY A 98 15.63 -10.30 -10.93
C GLY A 98 15.84 -9.03 -11.70
N LEU A 99 15.14 -7.95 -11.41
CA LEU A 99 15.29 -6.63 -12.06
C LEU A 99 16.23 -5.76 -11.27
N THR A 100 17.29 -5.26 -11.86
CA THR A 100 18.37 -4.53 -11.17
C THR A 100 18.40 -3.08 -11.59
N VAL A 101 18.49 -2.19 -10.61
CA VAL A 101 18.78 -0.75 -10.84
C VAL A 101 20.09 -0.44 -10.18
N THR A 102 21.01 0.12 -10.94
CA THR A 102 22.24 0.67 -10.34
C THR A 102 22.03 2.13 -9.96
N GLY A 103 22.69 2.57 -8.91
CA GLY A 103 22.61 3.97 -8.51
C GLY A 103 21.29 4.33 -7.86
N GLN A 104 20.55 3.37 -7.33
CA GLN A 104 19.29 3.69 -6.64
C GLN A 104 19.58 4.41 -5.33
N ALA A 105 18.81 5.43 -5.00
CA ALA A 105 18.91 6.06 -3.67
C ALA A 105 18.33 5.12 -2.63
N VAL A 106 19.16 4.72 -1.69
CA VAL A 106 18.77 3.87 -0.54
C VAL A 106 18.85 4.77 0.67
N GLU A 107 17.74 5.09 1.26
CA GLU A 107 17.64 6.06 2.35
C GLU A 107 17.86 5.31 3.64
N SER A 108 18.96 5.56 4.33
CA SER A 108 19.38 4.81 5.52
C SER A 108 18.81 5.49 6.75
N ALA A 109 18.01 4.79 7.54
CA ALA A 109 17.37 5.40 8.71
C ALA A 109 18.37 5.61 9.83
N LYS A 110 18.41 6.84 10.32
CA LYS A 110 19.05 7.08 11.63
C LYS A 110 18.01 7.02 12.74
N LYS A 111 16.76 7.39 12.47
CA LYS A 111 15.67 7.40 13.45
C LYS A 111 14.45 6.75 12.80
N VAL A 112 13.71 5.98 13.58
CA VAL A 112 12.38 5.46 13.17
C VAL A 112 11.42 5.65 14.34
N SER A 113 10.15 5.81 14.05
CA SER A 113 9.11 5.93 15.11
C SER A 113 8.81 4.55 15.67
N SER A 114 8.15 4.56 16.82
CA SER A 114 7.92 3.33 17.61
C SER A 114 7.16 2.28 16.80
N SER A 115 6.24 2.67 15.93
CA SER A 115 5.46 1.66 15.18
C SER A 115 6.38 0.82 14.29
N PHE A 116 7.45 1.42 13.75
N PHE A 116 7.45 1.42 13.75
N PHE A 116 7.45 1.42 13.75
N PHE A 116 7.45 1.42 13.75
CA PHE A 116 8.44 0.69 12.92
CA PHE A 116 8.44 0.69 12.92
CA PHE A 116 8.45 0.69 12.92
CA PHE A 116 8.45 0.69 12.92
C PHE A 116 9.28 -0.22 13.81
C PHE A 116 9.28 -0.22 13.81
C PHE A 116 9.27 -0.23 13.81
C PHE A 116 9.27 -0.23 13.81
N THR A 117 9.78 0.28 14.94
CA THR A 117 10.59 -0.51 15.85
C THR A 117 9.82 -1.77 16.29
N GLU A 118 8.55 -1.56 16.58
CA GLU A 118 7.71 -2.61 17.20
C GLU A 118 7.29 -3.67 16.19
N ASP A 119 7.48 -3.44 14.91
N ASP A 119 7.48 -3.44 14.91
N ASP A 119 7.48 -3.44 14.91
N ASP A 119 7.48 -3.44 14.91
CA ASP A 119 7.17 -4.43 13.85
CA ASP A 119 7.17 -4.43 13.85
CA ASP A 119 7.17 -4.43 13.85
CA ASP A 119 7.17 -4.43 13.85
C ASP A 119 8.47 -5.05 13.32
C ASP A 119 8.47 -5.05 13.32
C ASP A 119 8.47 -5.05 13.32
C ASP A 119 8.47 -5.05 13.32
N SER A 120 8.84 -6.21 13.85
CA SER A 120 10.10 -6.88 13.50
C SER A 120 10.11 -7.35 12.05
N THR A 121 8.95 -7.45 11.41
CA THR A 121 8.85 -8.12 10.09
C THR A 121 9.13 -7.18 8.94
N ILE A 122 9.13 -5.86 9.14
CA ILE A 122 9.31 -4.86 8.05
C ILE A 122 10.66 -4.20 8.22
N ASP A 123 11.51 -4.39 7.23
CA ASP A 123 12.90 -3.87 7.28
C ASP A 123 12.98 -2.50 6.62
N GLY A 124 11.91 -1.97 6.12
CA GLY A 124 11.88 -0.68 5.44
C GLY A 124 10.76 -0.66 4.43
N LEU A 125 10.67 0.46 3.71
CA LEU A 125 9.63 0.69 2.68
C LEU A 125 10.28 0.88 1.34
N LEU A 126 9.59 0.46 0.31
CA LEU A 126 9.98 0.77 -1.06
C LEU A 126 8.84 1.49 -1.71
N GLY A 127 9.00 2.81 -1.91
CA GLY A 127 7.92 3.65 -2.42
C GLY A 127 7.75 3.52 -3.90
N LEU A 128 6.49 3.50 -4.34
CA LEU A 128 6.11 3.28 -5.74
C LEU A 128 5.06 4.31 -6.18
N ALA A 129 4.87 5.37 -5.42
CA ALA A 129 4.13 6.56 -5.89
C ALA A 129 5.07 7.38 -6.80
N PHE A 130 4.64 8.57 -7.18
CA PHE A 130 5.43 9.37 -8.15
C PHE A 130 6.59 10.06 -7.43
N SER A 131 7.70 10.22 -8.15
CA SER A 131 8.96 10.70 -7.54
C SER A 131 8.83 12.13 -7.03
N THR A 132 7.82 12.88 -7.46
CA THR A 132 7.56 14.22 -6.92
C THR A 132 7.34 14.20 -5.42
N LEU A 133 6.94 13.07 -4.80
CA LEU A 133 6.80 12.98 -3.33
C LEU A 133 8.09 12.62 -2.59
N ASN A 134 9.17 12.29 -3.30
CA ASN A 134 10.38 11.80 -2.61
C ASN A 134 10.88 12.89 -1.66
N THR A 135 11.31 12.53 -0.47
CA THR A 135 11.63 13.53 0.56
C THR A 135 13.13 13.88 0.56
N VAL A 136 13.96 13.27 -0.26
CA VAL A 136 15.41 13.58 -0.16
C VAL A 136 15.67 15.05 -0.46
N SER A 137 16.51 15.63 0.37
CA SER A 137 16.92 17.04 0.26
C SER A 137 18.45 17.09 0.33
N PRO A 138 19.11 17.99 -0.43
CA PRO A 138 18.49 19.01 -1.26
C PRO A 138 18.20 18.61 -2.70
N THR A 139 18.50 17.34 -3.03
CA THR A 139 18.36 16.84 -4.41
C THR A 139 17.35 15.68 -4.34
N GLN A 140 16.16 15.90 -4.81
CA GLN A 140 15.10 14.86 -4.75
C GLN A 140 15.56 13.68 -5.61
N GLN A 141 15.22 12.48 -5.13
CA GLN A 141 15.63 11.21 -5.76
C GLN A 141 14.44 10.48 -6.40
N LYS A 142 14.75 9.62 -7.33
CA LYS A 142 13.72 8.84 -8.06
C LYS A 142 13.43 7.52 -7.37
N THR A 143 12.17 7.06 -7.54
CA THR A 143 11.80 5.71 -7.06
C THR A 143 12.51 4.64 -7.87
N PHE A 144 12.45 3.43 -7.32
CA PHE A 144 12.97 2.23 -8.01
C PHE A 144 12.26 2.07 -9.35
N PHE A 145 10.93 2.24 -9.38
CA PHE A 145 10.20 2.09 -10.65
C PHE A 145 10.61 3.16 -11.64
N ASP A 146 10.74 4.39 -11.20
CA ASP A 146 11.12 5.49 -12.13
C ASP A 146 12.51 5.19 -12.68
N ASN A 147 13.45 4.74 -11.87
CA ASN A 147 14.80 4.40 -12.37
C ASN A 147 14.77 3.20 -13.30
N ALA A 148 13.90 2.22 -13.10
CA ALA A 148 13.86 1.00 -13.93
C ALA A 148 13.12 1.21 -15.24
N LYS A 149 12.19 2.16 -15.30
N LYS A 149 12.22 2.18 -15.26
N LYS A 149 12.19 2.16 -15.30
N LYS A 149 12.22 2.18 -15.26
CA LYS A 149 11.06 2.07 -16.27
CA LYS A 149 11.12 2.31 -16.26
CA LYS A 149 11.06 2.07 -16.27
CA LYS A 149 11.12 2.31 -16.26
C LYS A 149 11.57 2.18 -17.73
C LYS A 149 11.65 2.13 -17.69
C LYS A 149 11.57 2.18 -17.73
C LYS A 149 11.65 2.13 -17.69
N ALA A 150 12.67 2.89 -18.02
CA ALA A 150 13.14 2.98 -19.42
C ALA A 150 13.66 1.61 -19.84
N SER A 151 14.17 0.78 -18.94
CA SER A 151 14.75 -0.55 -19.20
C SER A 151 13.69 -1.63 -19.32
N LEU A 152 12.51 -1.36 -18.78
CA LEU A 152 11.47 -2.41 -18.74
C LEU A 152 10.87 -2.73 -20.11
N ASP A 153 10.40 -3.92 -20.29
CA ASP A 153 9.76 -4.29 -21.58
C ASP A 153 8.53 -3.41 -21.83
N SER A 154 7.80 -3.07 -20.78
N SER A 154 7.75 -3.14 -20.78
N SER A 154 7.80 -3.07 -20.78
N SER A 154 7.75 -3.14 -20.78
CA SER A 154 6.62 -2.18 -20.78
CA SER A 154 6.61 -2.19 -20.79
CA SER A 154 6.62 -2.18 -20.78
CA SER A 154 6.61 -2.19 -20.79
C SER A 154 6.72 -1.34 -19.51
C SER A 154 6.69 -1.36 -19.51
C SER A 154 6.72 -1.34 -19.51
C SER A 154 6.69 -1.36 -19.51
N PRO A 155 6.36 -0.05 -19.54
CA PRO A 155 6.56 0.82 -18.37
C PRO A 155 5.45 0.70 -17.32
N VAL A 156 5.41 -0.50 -16.73
CA VAL A 156 4.28 -0.90 -15.84
C VAL A 156 4.83 -1.70 -14.66
N PHE A 157 4.09 -1.71 -13.58
CA PHE A 157 4.22 -2.77 -12.58
C PHE A 157 2.81 -3.19 -12.18
N THR A 158 2.71 -4.39 -11.60
CA THR A 158 1.40 -4.93 -11.22
C THR A 158 1.45 -5.40 -9.79
N ALA A 159 0.37 -5.22 -9.07
CA ALA A 159 0.18 -5.70 -7.70
C ALA A 159 -0.89 -6.74 -7.71
N ASP A 160 -0.57 -7.92 -7.20
CA ASP A 160 -1.48 -9.06 -7.11
C ASP A 160 -1.38 -9.57 -5.68
N LEU A 161 -2.04 -8.88 -4.74
CA LEU A 161 -1.95 -9.19 -3.32
C LEU A 161 -2.88 -10.34 -2.99
N GLY A 162 -2.43 -11.24 -2.14
CA GLY A 162 -3.25 -12.37 -1.71
C GLY A 162 -4.07 -12.07 -0.48
N TYR A 163 -5.18 -12.78 -0.33
CA TYR A 163 -5.98 -12.82 0.90
C TYR A 163 -5.47 -13.98 1.72
N HIS A 164 -4.87 -13.64 2.85
CA HIS A 164 -4.31 -14.64 3.77
C HIS A 164 -3.40 -15.58 2.99
N ALA A 165 -2.61 -15.08 2.05
CA ALA A 165 -1.77 -15.91 1.18
C ALA A 165 -0.79 -15.00 0.48
N PRO A 166 0.34 -15.54 0.01
CA PRO A 166 1.27 -14.74 -0.77
C PRO A 166 0.66 -14.34 -2.12
N GLY A 167 1.30 -13.32 -2.70
CA GLY A 167 0.93 -12.76 -4.01
C GLY A 167 2.17 -12.33 -4.73
N THR A 168 2.04 -11.43 -5.69
CA THR A 168 3.13 -11.13 -6.60
C THR A 168 3.17 -9.65 -6.95
N TYR A 169 4.37 -9.10 -7.02
CA TYR A 169 4.66 -7.83 -7.71
C TYR A 169 5.47 -8.16 -8.95
N ASN A 170 4.96 -7.75 -10.11
CA ASN A 170 5.69 -7.87 -11.37
C ASN A 170 6.03 -6.49 -11.88
N PHE A 171 7.21 -6.40 -12.51
CA PHE A 171 7.71 -5.17 -13.13
C PHE A 171 7.97 -5.45 -14.60
N GLY A 172 7.38 -4.64 -15.48
CA GLY A 172 7.70 -4.65 -16.90
C GLY A 172 6.84 -5.53 -17.72
N PHE A 173 5.84 -6.22 -17.19
CA PHE A 173 4.99 -7.11 -17.99
C PHE A 173 3.70 -7.35 -17.25
N ILE A 174 2.67 -7.73 -17.99
N ILE A 174 2.67 -7.68 -18.03
N ILE A 174 2.67 -7.73 -17.99
N ILE A 174 2.67 -7.68 -18.03
CA ILE A 174 1.35 -8.06 -17.42
CA ILE A 174 1.34 -8.15 -17.56
CA ILE A 174 1.35 -8.06 -17.42
CA ILE A 174 1.34 -8.15 -17.56
C ILE A 174 1.13 -9.56 -17.64
C ILE A 174 1.30 -9.66 -17.66
C ILE A 174 1.13 -9.56 -17.64
C ILE A 174 1.30 -9.66 -17.66
N ASP A 175 1.05 -10.31 -16.53
CA ASP A 175 0.87 -11.77 -16.55
C ASP A 175 -0.60 -12.04 -16.85
N THR A 176 -0.88 -12.41 -18.11
CA THR A 176 -2.27 -12.60 -18.57
C THR A 176 -2.87 -13.83 -17.93
N THR A 177 -2.13 -14.67 -17.23
CA THR A 177 -2.67 -15.84 -16.52
C THR A 177 -3.13 -15.48 -15.12
N ALA A 178 -2.85 -14.25 -14.65
CA ALA A 178 -3.02 -13.93 -13.22
C ALA A 178 -4.40 -13.31 -12.95
N TYR A 179 -5.27 -13.15 -13.95
CA TYR A 179 -6.57 -12.48 -13.72
C TYR A 179 -7.60 -13.15 -14.61
N THR A 180 -8.85 -12.89 -14.31
CA THR A 180 -9.99 -13.38 -15.10
C THR A 180 -10.52 -12.22 -15.90
N GLY A 181 -11.24 -12.53 -16.99
CA GLY A 181 -11.87 -11.47 -17.78
C GLY A 181 -10.85 -10.50 -18.32
N SER A 182 -11.24 -9.24 -18.43
N SER A 182 -11.25 -9.23 -18.42
N SER A 182 -11.24 -9.24 -18.43
N SER A 182 -11.25 -9.23 -18.42
CA SER A 182 -10.40 -8.17 -18.99
CA SER A 182 -10.41 -8.15 -18.99
CA SER A 182 -10.40 -8.17 -18.99
CA SER A 182 -10.41 -8.15 -18.99
C SER A 182 -9.97 -7.17 -17.91
C SER A 182 -9.97 -7.17 -17.91
C SER A 182 -9.97 -7.17 -17.91
C SER A 182 -9.97 -7.17 -17.91
N ILE A 183 -8.92 -6.42 -18.21
CA ILE A 183 -8.42 -5.35 -17.32
C ILE A 183 -9.14 -4.08 -17.77
N THR A 184 -9.83 -3.38 -16.85
CA THR A 184 -10.44 -2.08 -17.14
C THR A 184 -9.51 -0.98 -16.69
N TYR A 185 -9.12 -0.13 -17.61
CA TYR A 185 -8.22 0.97 -17.30
C TYR A 185 -9.01 2.23 -16.99
N THR A 186 -8.47 3.04 -16.15
CA THR A 186 -9.12 4.26 -15.64
C THR A 186 -8.10 5.36 -15.48
N ALA A 187 -8.51 6.60 -15.64
CA ALA A 187 -7.62 7.76 -15.61
C ALA A 187 -7.00 7.98 -14.24
N VAL A 188 -5.80 8.50 -14.25
CA VAL A 188 -5.03 8.86 -13.04
C VAL A 188 -4.72 10.35 -13.04
N SER A 189 -4.85 11.00 -11.90
CA SER A 189 -4.27 12.32 -11.66
C SER A 189 -2.99 12.12 -10.88
N THR A 190 -1.90 12.73 -11.34
CA THR A 190 -0.62 12.72 -10.61
C THR A 190 -0.41 14.01 -9.82
N LYS A 191 -1.41 14.89 -9.76
CA LYS A 191 -1.27 16.24 -9.20
C LYS A 191 -0.87 16.21 -7.73
N GLN A 192 -1.29 15.22 -6.95
CA GLN A 192 -0.87 15.07 -5.53
C GLN A 192 0.27 14.03 -5.36
N GLY A 193 0.84 13.55 -6.45
CA GLY A 193 1.95 12.57 -6.44
C GLY A 193 1.48 11.14 -6.21
N PHE A 194 0.19 10.88 -6.18
CA PHE A 194 -0.36 9.54 -5.91
C PHE A 194 -0.91 8.93 -7.17
N TRP A 195 -1.21 7.63 -7.12
CA TRP A 195 -2.02 6.91 -8.14
C TRP A 195 -3.48 7.19 -7.80
N GLU A 196 -3.93 8.40 -8.15
CA GLU A 196 -5.25 8.93 -7.76
C GLU A 196 -6.20 8.72 -8.90
N TRP A 197 -7.36 8.16 -8.62
CA TRP A 197 -8.33 7.78 -9.64
C TRP A 197 -9.73 8.02 -9.08
N THR A 198 -10.75 7.80 -9.91
CA THR A 198 -12.15 8.03 -9.47
C THR A 198 -12.94 6.76 -9.70
N SER A 199 -13.34 6.12 -8.63
CA SER A 199 -14.27 5.00 -8.72
C SER A 199 -15.64 5.49 -9.15
N THR A 200 -16.36 4.65 -9.83
CA THR A 200 -17.69 4.99 -10.36
C THR A 200 -18.81 4.65 -9.38
N GLY A 201 -18.56 4.00 -8.26
CA GLY A 201 -19.59 3.78 -7.25
C GLY A 201 -19.40 2.51 -6.45
N TYR A 202 -20.47 2.07 -5.81
CA TYR A 202 -20.31 0.93 -4.92
C TYR A 202 -21.63 0.21 -4.73
N ALA A 203 -21.51 -1.00 -4.21
CA ALA A 203 -22.68 -1.76 -3.74
C ALA A 203 -22.31 -2.43 -2.43
N VAL A 204 -23.28 -2.70 -1.60
CA VAL A 204 -23.10 -3.44 -0.34
C VAL A 204 -23.78 -4.79 -0.50
N GLY A 205 -23.08 -5.88 -0.32
CA GLY A 205 -23.66 -7.21 -0.48
C GLY A 205 -24.33 -7.36 -1.81
N SER A 206 -25.55 -7.91 -1.80
N SER A 206 -25.55 -7.92 -1.80
N SER A 206 -25.55 -7.91 -1.80
N SER A 206 -25.55 -7.92 -1.80
CA SER A 206 -26.35 -8.15 -3.03
CA SER A 206 -26.37 -8.16 -3.03
CA SER A 206 -26.35 -8.15 -3.03
CA SER A 206 -26.37 -8.16 -3.03
C SER A 206 -27.18 -6.91 -3.38
C SER A 206 -27.20 -6.91 -3.37
C SER A 206 -27.18 -6.91 -3.38
C SER A 206 -27.20 -6.91 -3.37
N GLY A 207 -26.94 -5.79 -2.71
CA GLY A 207 -27.67 -4.54 -2.93
C GLY A 207 -27.44 -3.91 -4.30
N THR A 208 -28.28 -2.94 -4.65
CA THR A 208 -28.16 -2.26 -5.95
C THR A 208 -26.90 -1.38 -5.93
N PHE A 209 -26.29 -1.29 -7.09
CA PHE A 209 -25.11 -0.44 -7.26
C PHE A 209 -25.50 1.03 -7.24
N LYS A 210 -24.80 1.84 -6.49
CA LYS A 210 -24.96 3.29 -6.39
C LYS A 210 -23.91 3.94 -7.26
N SER A 211 -24.34 4.59 -8.33
CA SER A 211 -23.43 5.33 -9.20
C SER A 211 -23.05 6.63 -8.53
N THR A 212 -21.79 6.84 -8.20
CA THR A 212 -21.30 8.03 -7.53
C THR A 212 -19.81 8.09 -7.69
N SER A 213 -19.25 9.25 -7.96
CA SER A 213 -17.79 9.41 -8.14
C SER A 213 -17.10 9.42 -6.81
N ILE A 214 -16.12 8.53 -6.62
CA ILE A 214 -15.34 8.51 -5.36
C ILE A 214 -13.87 8.63 -5.78
N ASP A 215 -13.29 9.81 -5.60
N ASP A 215 -13.30 9.79 -5.56
N ASP A 215 -13.29 9.81 -5.60
N ASP A 215 -13.30 9.79 -5.56
CA ASP A 215 -11.86 10.09 -5.84
CA ASP A 215 -11.87 10.07 -5.85
CA ASP A 215 -11.86 10.09 -5.84
CA ASP A 215 -11.87 10.07 -5.85
C ASP A 215 -11.03 9.43 -4.74
C ASP A 215 -11.02 9.42 -4.73
C ASP A 215 -11.03 9.43 -4.74
C ASP A 215 -11.02 9.42 -4.73
N GLY A 216 -10.00 8.65 -5.08
CA GLY A 216 -9.13 8.11 -4.05
C GLY A 216 -7.85 7.60 -4.63
N ILE A 217 -7.01 7.04 -3.76
CA ILE A 217 -5.68 6.59 -4.21
C ILE A 217 -5.57 5.08 -4.10
N ALA A 218 -4.84 4.49 -5.04
CA ALA A 218 -4.50 3.04 -4.97
C ALA A 218 -3.25 2.95 -4.14
N ASP A 219 -3.36 2.44 -2.92
N ASP A 219 -3.36 2.44 -2.92
N ASP A 219 -3.36 2.44 -2.91
N ASP A 219 -3.36 2.44 -2.91
CA ASP A 219 -2.25 2.52 -1.93
CA ASP A 219 -2.25 2.52 -1.93
CA ASP A 219 -2.26 2.52 -1.92
CA ASP A 219 -2.26 2.52 -1.92
C ASP A 219 -1.98 1.14 -1.30
C ASP A 219 -1.98 1.14 -1.30
C ASP A 219 -1.98 1.14 -1.30
C ASP A 219 -1.98 1.14 -1.30
N THR A 220 -0.97 0.45 -1.82
CA THR A 220 -0.60 -0.87 -1.29
C THR A 220 -0.04 -0.76 0.11
N GLY A 221 0.41 0.42 0.53
CA GLY A 221 0.99 0.60 1.86
C GLY A 221 0.00 0.96 2.94
N THR A 222 -1.28 0.98 2.65
CA THR A 222 -2.34 1.18 3.64
C THR A 222 -3.13 -0.11 3.75
N THR A 223 -3.38 -0.57 4.97
CA THR A 223 -4.06 -1.86 5.16
C THR A 223 -5.50 -1.86 4.71
N LEU A 224 -6.24 -0.86 5.13
CA LEU A 224 -7.72 -0.84 5.05
C LEU A 224 -8.23 -0.01 3.88
N LEU A 225 -9.54 -0.09 3.70
CA LEU A 225 -10.28 0.68 2.68
C LEU A 225 -10.91 1.85 3.39
N TYR A 226 -10.50 3.07 3.07
CA TYR A 226 -11.02 4.30 3.70
C TYR A 226 -11.85 5.05 2.70
N LEU A 227 -13.13 5.23 3.00
CA LEU A 227 -14.12 5.81 2.05
C LEU A 227 -14.97 6.85 2.77
N PRO A 228 -15.77 7.63 2.01
CA PRO A 228 -16.57 8.65 2.68
C PRO A 228 -17.49 8.08 3.72
N ALA A 229 -17.81 8.89 4.73
CA ALA A 229 -18.60 8.44 5.87
C ALA A 229 -19.98 7.92 5.42
N THR A 230 -20.56 8.53 4.38
CA THR A 230 -21.88 8.06 3.88
C THR A 230 -21.78 6.60 3.43
N VAL A 231 -20.74 6.31 2.65
CA VAL A 231 -20.58 4.95 2.06
C VAL A 231 -20.31 3.95 3.18
N VAL A 232 -19.44 4.33 4.11
CA VAL A 232 -19.05 3.43 5.21
C VAL A 232 -20.27 3.15 6.10
N SER A 233 -21.09 4.18 6.39
CA SER A 233 -22.30 3.97 7.21
C SER A 233 -23.25 3.02 6.50
N ALA A 234 -23.40 3.17 5.18
CA ALA A 234 -24.27 2.26 4.42
C ALA A 234 -23.80 0.81 4.49
N TYR A 235 -22.50 0.61 4.47
CA TYR A 235 -21.95 -0.76 4.60
C TYR A 235 -22.25 -1.31 5.97
N TRP A 236 -21.86 -0.63 7.04
CA TRP A 236 -21.92 -1.22 8.39
C TRP A 236 -23.38 -1.30 8.89
N ALA A 237 -24.28 -0.55 8.29
CA ALA A 237 -25.73 -0.68 8.63
C ALA A 237 -26.24 -2.07 8.26
N GLN A 238 -25.54 -2.77 7.39
CA GLN A 238 -25.98 -4.13 7.00
C GLN A 238 -25.44 -5.18 7.94
N VAL A 239 -24.73 -4.82 9.00
CA VAL A 239 -24.11 -5.79 9.93
C VAL A 239 -24.73 -5.55 11.30
N SER A 240 -25.50 -6.51 11.80
N SER A 240 -25.51 -6.50 11.79
N SER A 240 -25.50 -6.51 11.80
N SER A 240 -25.51 -6.50 11.79
CA SER A 240 -26.19 -6.37 13.10
CA SER A 240 -26.22 -6.36 13.08
CA SER A 240 -26.19 -6.37 13.10
CA SER A 240 -26.22 -6.36 13.08
C SER A 240 -25.17 -6.12 14.20
C SER A 240 -25.20 -6.13 14.20
C SER A 240 -25.17 -6.12 14.20
C SER A 240 -25.20 -6.13 14.20
N GLY A 241 -25.37 -5.06 14.97
CA GLY A 241 -24.53 -4.73 16.10
C GLY A 241 -23.27 -3.98 15.74
N ALA A 242 -23.03 -3.65 14.47
CA ALA A 242 -21.84 -2.84 14.11
C ALA A 242 -22.05 -1.41 14.55
N LYS A 243 -20.98 -0.76 14.95
CA LYS A 243 -21.05 0.62 15.45
C LYS A 243 -19.70 1.27 15.24
N SER A 244 -19.71 2.58 15.15
CA SER A 244 -18.45 3.35 15.19
C SER A 244 -18.10 3.61 16.64
N SER A 245 -16.91 3.21 17.05
CA SER A 245 -16.39 3.31 18.40
C SER A 245 -15.32 4.42 18.41
N SER A 246 -15.60 5.52 19.10
N SER A 246 -15.61 5.52 19.09
N SER A 246 -15.60 5.52 19.10
N SER A 246 -15.61 5.52 19.09
CA SER A 246 -14.61 6.62 19.28
CA SER A 246 -14.62 6.62 19.30
CA SER A 246 -14.61 6.62 19.28
CA SER A 246 -14.62 6.62 19.30
C SER A 246 -13.41 6.11 20.09
C SER A 246 -13.42 6.09 20.08
C SER A 246 -13.41 6.11 20.09
C SER A 246 -13.42 6.09 20.08
N SER A 247 -13.65 5.22 21.06
CA SER A 247 -12.58 4.68 21.93
C SER A 247 -11.66 3.76 21.14
N VAL A 248 -12.20 2.92 20.28
CA VAL A 248 -11.35 1.99 19.48
C VAL A 248 -10.75 2.72 18.27
N GLY A 249 -11.46 3.70 17.70
CA GLY A 249 -10.99 4.48 16.55
C GLY A 249 -11.55 3.99 15.23
N GLY A 250 -12.75 3.49 15.20
CA GLY A 250 -13.43 3.17 13.95
C GLY A 250 -14.57 2.22 14.20
N TYR A 251 -15.12 1.72 13.14
CA TYR A 251 -16.20 0.75 13.14
C TYR A 251 -15.68 -0.59 13.66
N VAL A 252 -16.49 -1.14 14.57
CA VAL A 252 -16.31 -2.48 15.14
C VAL A 252 -17.60 -3.23 14.92
N PHE A 253 -17.50 -4.53 15.00
CA PHE A 253 -18.66 -5.39 14.74
C PHE A 253 -18.53 -6.64 15.58
N PRO A 254 -19.65 -7.34 15.84
CA PRO A 254 -19.57 -8.61 16.56
C PRO A 254 -18.75 -9.61 15.82
N CYS A 255 -17.81 -10.26 16.49
CA CYS A 255 -16.99 -11.26 15.83
C CYS A 255 -17.82 -12.44 15.32
N SER A 256 -18.98 -12.62 15.89
CA SER A 256 -19.93 -13.69 15.44
C SER A 256 -20.56 -13.38 14.09
N ALA A 257 -20.44 -12.16 13.54
CA ALA A 257 -21.12 -11.77 12.28
C ALA A 257 -20.51 -12.45 11.08
N THR A 258 -21.35 -12.64 10.07
CA THR A 258 -20.93 -12.94 8.70
C THR A 258 -21.05 -11.64 7.91
N LEU A 259 -19.95 -11.11 7.40
CA LEU A 259 -19.94 -9.77 6.76
C LEU A 259 -20.40 -9.88 5.31
N PRO A 260 -21.11 -8.87 4.83
CA PRO A 260 -21.46 -8.75 3.42
C PRO A 260 -20.24 -8.35 2.60
N SER A 261 -20.27 -8.67 1.33
CA SER A 261 -19.28 -8.18 0.39
C SER A 261 -19.44 -6.68 0.16
N PHE A 262 -18.42 -6.10 -0.45
CA PHE A 262 -18.44 -4.69 -0.86
C PHE A 262 -17.95 -4.63 -2.28
N THR A 263 -18.70 -4.00 -3.17
CA THR A 263 -18.31 -3.87 -4.59
C THR A 263 -17.93 -2.44 -4.87
N PHE A 264 -16.83 -2.22 -5.58
CA PHE A 264 -16.52 -0.84 -6.06
C PHE A 264 -16.46 -0.86 -7.61
N GLY A 265 -16.80 0.26 -8.21
CA GLY A 265 -16.79 0.43 -9.66
C GLY A 265 -15.45 0.90 -10.17
N VAL A 266 -15.07 0.34 -11.33
CA VAL A 266 -13.92 0.80 -12.14
C VAL A 266 -14.50 0.99 -13.53
N GLY A 267 -14.80 2.23 -13.90
CA GLY A 267 -15.57 2.43 -15.14
C GLY A 267 -16.84 1.63 -15.05
N SER A 268 -17.19 0.90 -16.10
N SER A 268 -17.17 0.88 -16.11
N SER A 268 -17.19 0.90 -16.10
N SER A 268 -17.17 0.88 -16.11
CA SER A 268 -18.38 0.03 -16.13
CA SER A 268 -18.37 0.01 -16.17
CA SER A 268 -18.38 0.03 -16.13
CA SER A 268 -18.37 0.01 -16.17
C SER A 268 -18.13 -1.32 -15.46
C SER A 268 -18.13 -1.32 -15.45
C SER A 268 -18.13 -1.32 -15.46
C SER A 268 -18.13 -1.32 -15.45
N ALA A 269 -16.90 -1.60 -15.01
CA ALA A 269 -16.56 -2.87 -14.38
C ALA A 269 -16.78 -2.78 -12.86
N ARG A 270 -16.75 -3.95 -12.26
CA ARG A 270 -17.03 -4.07 -10.81
C ARG A 270 -16.01 -5.00 -10.19
N ILE A 271 -15.44 -4.61 -9.07
CA ILE A 271 -14.55 -5.46 -8.25
C ILE A 271 -15.27 -5.75 -6.95
N VAL A 272 -15.40 -7.03 -6.67
CA VAL A 272 -16.11 -7.49 -5.48
C VAL A 272 -15.14 -7.92 -4.40
N ILE A 273 -15.20 -7.25 -3.26
CA ILE A 273 -14.42 -7.58 -2.05
C ILE A 273 -15.26 -8.52 -1.23
N PRO A 274 -14.89 -9.80 -1.07
CA PRO A 274 -15.65 -10.71 -0.24
C PRO A 274 -15.71 -10.23 1.19
N GLY A 275 -16.81 -10.56 1.88
CA GLY A 275 -16.99 -10.10 3.25
C GLY A 275 -15.85 -10.48 4.18
N ASP A 276 -15.29 -11.68 4.00
N ASP A 276 -15.26 -11.67 4.04
N ASP A 276 -15.29 -11.68 4.00
N ASP A 276 -15.26 -11.67 4.04
CA ASP A 276 -14.21 -12.16 4.89
CA ASP A 276 -14.21 -12.07 5.02
CA ASP A 276 -14.21 -12.16 4.89
CA ASP A 276 -14.21 -12.07 5.02
C ASP A 276 -13.01 -11.21 4.82
C ASP A 276 -12.93 -11.26 4.81
C ASP A 276 -13.01 -11.21 4.82
C ASP A 276 -12.93 -11.26 4.81
N TYR A 277 -12.79 -10.55 3.69
CA TYR A 277 -11.63 -9.63 3.54
C TYR A 277 -11.77 -8.43 4.47
N ILE A 278 -12.97 -8.15 4.95
CA ILE A 278 -13.28 -6.94 5.73
C ILE A 278 -13.15 -7.22 7.22
N ASP A 279 -12.85 -8.46 7.62
CA ASP A 279 -12.71 -8.84 9.04
C ASP A 279 -11.23 -8.69 9.45
N PHE A 280 -10.94 -7.78 10.39
CA PHE A 280 -9.59 -7.59 10.94
C PHE A 280 -9.50 -8.11 12.38
N GLY A 281 -10.42 -8.92 12.79
CA GLY A 281 -10.25 -9.74 13.99
C GLY A 281 -10.47 -8.91 15.26
N PRO A 282 -10.31 -9.60 16.42
CA PRO A 282 -10.62 -8.97 17.71
C PRO A 282 -9.87 -7.68 17.93
N ILE A 283 -10.50 -6.72 18.56
CA ILE A 283 -9.85 -5.41 18.80
C ILE A 283 -8.71 -5.56 19.77
N SER A 284 -8.80 -6.50 20.66
CA SER A 284 -7.75 -6.89 21.62
C SER A 284 -7.86 -8.37 21.79
N THR A 285 -6.79 -9.03 22.21
CA THR A 285 -6.78 -10.46 22.30
C THR A 285 -7.95 -10.98 23.16
N GLY A 286 -8.75 -11.89 22.65
CA GLY A 286 -9.85 -12.53 23.35
C GLY A 286 -11.16 -11.74 23.34
N SER A 287 -11.17 -10.56 22.72
CA SER A 287 -12.40 -9.76 22.59
C SER A 287 -13.36 -10.40 21.60
N SER A 288 -14.64 -10.24 21.83
CA SER A 288 -15.67 -10.59 20.83
C SER A 288 -16.07 -9.41 19.96
N SER A 289 -15.41 -8.27 20.12
N SER A 289 -15.41 -8.27 20.12
N SER A 289 -15.41 -8.27 20.12
N SER A 289 -15.41 -8.27 20.12
CA SER A 289 -15.57 -7.11 19.22
CA SER A 289 -15.58 -7.08 19.24
CA SER A 289 -15.57 -7.11 19.22
CA SER A 289 -15.58 -7.08 19.24
C SER A 289 -14.45 -7.16 18.20
C SER A 289 -14.46 -7.14 18.20
C SER A 289 -14.45 -7.16 18.20
C SER A 289 -14.46 -7.14 18.20
N CYS A 290 -14.83 -7.11 16.91
CA CYS A 290 -13.88 -7.24 15.82
C CYS A 290 -13.75 -5.92 15.07
N PHE A 291 -12.56 -5.67 14.54
CA PHE A 291 -12.29 -4.38 13.86
C PHE A 291 -12.65 -4.49 12.38
N GLY A 292 -13.35 -3.47 11.87
CA GLY A 292 -13.73 -3.48 10.47
C GLY A 292 -12.67 -3.08 9.50
N GLY A 293 -12.74 -3.66 8.30
CA GLY A 293 -11.75 -3.37 7.24
C GLY A 293 -12.13 -2.24 6.32
N ILE A 294 -13.34 -1.72 6.47
CA ILE A 294 -13.82 -0.53 5.75
C ILE A 294 -14.06 0.53 6.83
N GLN A 295 -13.41 1.68 6.68
CA GLN A 295 -13.43 2.74 7.70
C GLN A 295 -13.61 4.08 7.01
N SER A 296 -14.07 5.07 7.76
CA SER A 296 -14.24 6.42 7.20
C SER A 296 -12.92 7.10 6.92
N SER A 297 -12.89 7.77 5.78
CA SER A 297 -11.78 8.68 5.42
C SER A 297 -11.96 10.09 5.93
N ALA A 298 -13.02 10.36 6.70
N ALA A 298 -13.07 10.39 6.63
N ALA A 298 -13.02 10.36 6.70
N ALA A 298 -13.07 10.39 6.63
CA ALA A 298 -13.29 11.72 7.24
CA ALA A 298 -13.45 11.79 6.93
CA ALA A 298 -13.28 11.72 7.24
CA ALA A 298 -13.45 11.79 6.93
C ALA A 298 -12.13 12.13 8.17
C ALA A 298 -12.29 12.55 7.58
C ALA A 298 -12.13 12.13 8.17
C ALA A 298 -12.29 12.55 7.58
N GLY A 299 -11.53 13.27 7.89
N GLY A 299 -11.50 11.91 8.46
N GLY A 299 -11.53 13.27 7.89
N GLY A 299 -11.50 11.91 8.46
CA GLY A 299 -10.39 13.81 8.65
CA GLY A 299 -10.40 12.53 9.22
CA GLY A 299 -10.39 13.81 8.65
CA GLY A 299 -10.40 12.53 9.22
C GLY A 299 -9.06 13.36 8.05
C GLY A 299 -9.08 12.54 8.48
C GLY A 299 -9.06 13.36 8.05
C GLY A 299 -9.08 12.54 8.48
N ILE A 300 -9.04 12.35 7.17
N ILE A 300 -9.02 12.00 7.25
N ILE A 300 -9.04 12.35 7.17
N ILE A 300 -9.02 12.00 7.25
CA ILE A 300 -7.78 11.91 6.50
CA ILE A 300 -7.77 11.84 6.44
CA ILE A 300 -7.78 11.91 6.50
CA ILE A 300 -7.77 11.84 6.44
C ILE A 300 -7.58 12.83 5.29
C ILE A 300 -7.60 12.97 5.42
C ILE A 300 -7.58 12.83 5.29
C ILE A 300 -7.60 12.97 5.42
N GLY A 301 -8.67 13.32 4.69
CA GLY A 301 -8.60 14.30 3.60
C GLY A 301 -8.50 13.68 2.22
N ILE A 302 -8.45 12.32 2.14
CA ILE A 302 -8.43 11.57 0.87
C ILE A 302 -9.03 10.19 1.14
N ASN A 303 -9.67 9.67 0.11
CA ASN A 303 -10.12 8.25 0.15
C ASN A 303 -8.95 7.38 -0.22
N ILE A 304 -8.88 6.21 0.39
N ILE A 304 -8.88 6.21 0.39
N ILE A 304 -8.85 6.22 0.42
N ILE A 304 -8.85 6.22 0.42
CA ILE A 304 -7.71 5.31 0.20
CA ILE A 304 -7.71 5.31 0.20
CA ILE A 304 -7.69 5.30 0.22
CA ILE A 304 -7.69 5.30 0.22
C ILE A 304 -8.21 3.92 -0.13
C ILE A 304 -8.21 3.92 -0.13
C ILE A 304 -8.20 3.92 -0.12
C ILE A 304 -8.20 3.92 -0.12
N PHE A 305 -7.93 3.47 -1.34
CA PHE A 305 -8.14 2.08 -1.76
C PHE A 305 -6.90 1.33 -1.34
N GLY A 306 -6.86 0.90 -0.07
CA GLY A 306 -5.76 0.17 0.51
C GLY A 306 -5.87 -1.33 0.21
N ASP A 307 -5.14 -2.12 0.96
CA ASP A 307 -4.98 -3.55 0.66
C ASP A 307 -6.33 -4.26 0.64
N VAL A 308 -7.24 -3.94 1.54
CA VAL A 308 -8.57 -4.60 1.54
C VAL A 308 -9.18 -4.55 0.14
N ALA A 309 -9.13 -3.42 -0.52
CA ALA A 309 -9.66 -3.28 -1.88
C ALA A 309 -8.73 -3.91 -2.90
N LEU A 310 -7.45 -3.56 -2.84
CA LEU A 310 -6.54 -3.98 -3.93
C LEU A 310 -6.36 -5.50 -3.98
N LYS A 311 -6.41 -6.19 -2.84
N LYS A 311 -6.41 -6.20 -2.85
N LYS A 311 -6.41 -6.19 -2.84
N LYS A 311 -6.41 -6.20 -2.85
CA LYS A 311 -6.20 -7.65 -2.80
CA LYS A 311 -6.17 -7.65 -2.89
CA LYS A 311 -6.20 -7.65 -2.80
CA LYS A 311 -6.17 -7.65 -2.89
C LYS A 311 -7.35 -8.38 -3.51
C LYS A 311 -7.35 -8.39 -3.52
C LYS A 311 -7.35 -8.38 -3.51
C LYS A 311 -7.35 -8.39 -3.52
N ALA A 312 -8.50 -7.74 -3.72
CA ALA A 312 -9.61 -8.33 -4.49
C ALA A 312 -9.36 -8.23 -5.99
N ALA A 313 -8.30 -7.61 -6.43
CA ALA A 313 -8.10 -7.33 -7.87
C ALA A 313 -6.66 -7.66 -8.28
N PHE A 314 -6.47 -7.79 -9.58
CA PHE A 314 -5.15 -7.69 -10.22
C PHE A 314 -5.04 -6.24 -10.65
N VAL A 315 -4.04 -5.50 -10.20
CA VAL A 315 -3.98 -4.06 -10.40
C VAL A 315 -2.73 -3.70 -11.18
N VAL A 316 -2.95 -3.00 -12.29
CA VAL A 316 -1.88 -2.48 -13.17
C VAL A 316 -1.61 -1.03 -12.90
N PHE A 317 -0.36 -0.73 -12.53
CA PHE A 317 0.13 0.63 -12.34
C PHE A 317 0.90 0.95 -13.62
N ASN A 318 0.20 1.65 -14.53
CA ASN A 318 0.71 1.93 -15.90
C ASN A 318 1.45 3.25 -15.88
N GLY A 319 2.77 3.22 -15.93
CA GLY A 319 3.62 4.41 -15.91
C GLY A 319 3.99 4.90 -17.33
N ALA A 320 3.15 4.69 -18.28
CA ALA A 320 3.25 5.38 -19.60
C ALA A 320 3.21 6.90 -19.40
N THR A 321 3.56 7.62 -20.49
CA THR A 321 3.70 9.10 -20.44
C THR A 321 2.47 9.74 -19.78
N THR A 322 1.30 9.24 -20.11
CA THR A 322 0.08 9.54 -19.30
C THR A 322 -0.24 8.29 -18.47
N PRO A 323 0.04 8.34 -17.15
CA PRO A 323 -0.21 7.13 -16.35
C PRO A 323 -1.70 6.79 -16.33
N THR A 324 -2.01 5.53 -16.12
CA THR A 324 -3.37 5.04 -15.88
C THR A 324 -3.29 3.90 -14.88
N LEU A 325 -4.43 3.52 -14.31
N LEU A 325 -4.45 3.37 -14.52
N LEU A 325 -4.43 3.52 -14.31
N LEU A 325 -4.45 3.37 -14.52
CA LEU A 325 -4.57 2.29 -13.48
CA LEU A 325 -4.58 2.33 -13.48
CA LEU A 325 -4.57 2.29 -13.48
CA LEU A 325 -4.58 2.33 -13.48
C LEU A 325 -5.43 1.29 -14.20
C LEU A 325 -5.57 1.27 -13.99
C LEU A 325 -5.43 1.29 -14.20
C LEU A 325 -5.57 1.27 -13.99
N GLY A 326 -5.14 0.01 -14.07
CA GLY A 326 -6.00 -1.04 -14.55
C GLY A 326 -6.42 -1.96 -13.44
N PHE A 327 -7.66 -2.40 -13.45
CA PHE A 327 -8.19 -3.39 -12.48
C PHE A 327 -8.81 -4.53 -13.18
N ALA A 328 -8.53 -5.75 -12.79
CA ALA A 328 -9.21 -6.96 -13.23
C ALA A 328 -9.64 -7.75 -12.00
N SER A 329 -10.71 -8.48 -12.13
CA SER A 329 -11.06 -9.56 -11.19
C SER A 329 -10.05 -10.69 -11.31
N LYS A 330 -9.99 -11.59 -10.31
CA LYS A 330 -9.05 -12.70 -10.34
C LYS A 330 -9.55 -13.89 -9.52
N3 A1CGV B . 1.29 3.93 4.40
N3 A1CGV B . 1.29 3.93 4.40
C4 A1CGV B . 2.69 4.39 4.67
C4 A1CGV B . 2.69 4.39 4.67
C5 A1CGV B . 3.10 4.02 6.06
C5 A1CGV B . 3.10 4.02 6.06
C7 A1CGV B . 3.38 1.97 7.27
C7 A1CGV B . 3.38 1.97 7.27
C8 A1CGV B . 3.26 2.56 8.51
C8 A1CGV B . 3.26 2.56 8.51
C10 A1CGV B . 4.00 0.54 9.56
C10 A1CGV B . 4.00 0.54 9.56
C13 A1CGV B . 2.16 -1.13 11.04
C13 A1CGV B . 2.16 -1.13 11.04
C15 A1CGV B . 1.09 -2.82 9.71
C15 A1CGV B . 1.09 -2.82 9.71
C17 A1CGV B . -0.24 -1.18 10.83
C17 A1CGV B . -0.24 -1.18 10.83
C20 A1CGV B . 3.80 0.65 7.17
C20 A1CGV B . 3.80 0.65 7.17
C1 A1CGV B . 0.15 5.87 5.41
C1 A1CGV B . 0.15 5.87 5.41
C2 A1CGV B . 0.21 4.37 5.30
C2 A1CGV B . 0.21 4.37 5.30
O6 A1CGV B . 3.09 2.59 6.09
O6 A1CGV B . 3.09 2.59 6.09
C9 A1CGV B . 3.57 1.85 9.65
C9 A1CGV B . 3.57 1.85 9.65
O11 A1CGV B . 4.36 -0.29 10.58
O11 A1CGV B . 4.36 -0.29 10.58
C12 A1CGV B . 3.40 -0.51 11.62
C12 A1CGV B . 3.40 -0.51 11.62
C14 A1CGV B . 2.24 -2.24 10.22
C14 A1CGV B . 2.24 -2.24 10.22
C16 A1CGV B . -0.15 -2.29 10.02
C16 A1CGV B . -0.15 -2.29 10.02
C18 A1CGV B . 0.91 -0.61 11.34
C18 A1CGV B . 0.91 -0.61 11.35
C19 A1CGV B . 4.11 -0.06 8.32
C19 A1CGV B . 4.11 -0.06 8.32
#